data_8YZT
#
_entry.id   8YZT
#
_cell.length_a   57.995
_cell.length_b   58.060
_cell.length_c   214.381
_cell.angle_alpha   90.000
_cell.angle_beta   90.000
_cell.angle_gamma   90.000
#
_symmetry.space_group_name_H-M   'P 21 21 21'
#
loop_
_entity.id
_entity.type
_entity.pdbx_description
1 polymer 'Protein BANP'
2 polymer 'CGCG-containing DNA'
3 water water
#
loop_
_entity_poly.entity_id
_entity_poly.type
_entity_poly.pdbx_seq_one_letter_code
_entity_poly.pdbx_strand_id
1 'polypeptide(L)'
;SITLNSEEDYPNGTWLGDENNPEMRVRCAIIPSDMLHISTNCRTAEKMALTLLDYLFHREVQAVSNLSGQGKHGKKQLDP
LTIYGIRCHLFYKFGITESDWYRIKQSIDSKCRTAWRRKQRG
;
A,B,C,D
2 'polydeoxyribonucleotide' (DC)(DA)(DT)(DC)(DT)(DC)(DG)(DC)(DG)(DA)(DG)(DA)(DT) E,F
#
# COMPACT_ATOMS: atom_id res chain seq x y z
N ILE A 2 26.00 15.46 27.36
CA ILE A 2 25.17 14.30 27.14
C ILE A 2 26.01 13.10 26.68
N THR A 3 25.58 11.89 27.01
CA THR A 3 26.33 10.69 26.72
C THR A 3 25.54 9.79 25.79
N LEU A 4 26.22 9.20 24.83
CA LEU A 4 25.64 8.20 23.95
C LEU A 4 25.33 6.92 24.73
N ASN A 5 24.58 6.02 24.10
CA ASN A 5 24.12 4.80 24.77
C ASN A 5 24.63 3.58 24.01
N SER A 6 24.09 2.41 24.37
CA SER A 6 24.56 1.14 23.84
C SER A 6 23.35 0.30 23.54
N GLU A 7 23.59 -0.81 22.81
CA GLU A 7 22.48 -1.69 22.38
C GLU A 7 21.69 -2.18 23.58
N GLU A 8 22.37 -2.53 24.68
CA GLU A 8 21.69 -3.01 25.88
C GLU A 8 20.65 -2.04 26.42
N ASP A 9 20.50 -0.84 25.85
CA ASP A 9 19.55 0.12 26.40
C ASP A 9 18.16 -0.10 25.85
N TYR A 10 18.09 -0.60 24.62
CA TYR A 10 16.85 -1.09 24.02
C TYR A 10 17.25 -2.29 23.17
N PRO A 11 17.38 -3.45 23.80
CA PRO A 11 17.82 -4.64 23.04
C PRO A 11 16.83 -5.02 21.94
N ASN A 12 15.54 -4.80 22.17
CA ASN A 12 14.53 -4.97 21.15
C ASN A 12 14.27 -3.68 20.37
N GLY A 13 15.29 -2.86 20.17
CA GLY A 13 15.09 -1.58 19.54
C GLY A 13 15.72 -1.48 18.17
N THR A 14 16.11 -0.27 17.82
CA THR A 14 16.77 0.04 16.56
C THR A 14 17.79 1.14 16.79
N TRP A 15 18.76 1.23 15.90
CA TRP A 15 19.79 2.25 15.94
C TRP A 15 19.35 3.44 15.11
N LEU A 16 19.46 4.63 15.65
CA LEU A 16 19.39 5.84 14.85
C LEU A 16 20.81 6.24 14.48
N GLY A 17 21.03 6.49 13.20
CA GLY A 17 22.38 6.71 12.71
C GLY A 17 22.89 5.49 12.01
N ASP A 18 24.19 5.48 11.70
CA ASP A 18 24.79 4.28 11.15
C ASP A 18 25.33 3.45 12.30
N GLU A 19 24.95 2.17 12.32
CA GLU A 19 25.39 1.27 13.40
C GLU A 19 26.91 1.20 13.52
N ASN A 20 27.63 1.54 12.44
CA ASN A 20 29.07 1.37 12.35
C ASN A 20 29.85 2.47 13.04
N ASN A 21 29.22 3.59 13.39
CA ASN A 21 29.91 4.77 13.92
C ASN A 21 29.44 5.11 15.33
N PRO A 22 30.05 4.52 16.36
CA PRO A 22 29.63 4.80 17.74
C PRO A 22 29.58 6.28 18.08
N GLU A 23 30.35 7.09 17.34
CA GLU A 23 30.34 8.54 17.58
C GLU A 23 29.04 9.18 17.13
N MET A 24 28.36 8.56 16.17
CA MET A 24 27.18 9.15 15.56
C MET A 24 26.06 8.14 15.45
N ARG A 25 25.71 7.51 16.57
CA ARG A 25 24.62 6.55 16.61
C ARG A 25 23.98 6.54 18.01
N VAL A 26 22.66 6.42 18.03
CA VAL A 26 21.89 6.37 19.27
C VAL A 26 20.94 5.19 19.18
N ARG A 27 20.82 4.43 20.26
CA ARG A 27 19.80 3.39 20.32
C ARG A 27 18.50 3.99 20.83
N CYS A 28 17.40 3.55 20.23
CA CYS A 28 16.06 4.02 20.57
C CYS A 28 15.11 2.84 20.62
N ALA A 29 13.92 3.07 21.19
CA ALA A 29 12.96 2.01 21.50
C ALA A 29 12.15 1.52 20.30
N ILE A 30 12.27 2.18 19.15
CA ILE A 30 11.55 1.76 17.96
C ILE A 30 11.95 0.34 17.60
N ILE A 31 10.97 -0.57 17.58
CA ILE A 31 11.20 -1.95 17.16
C ILE A 31 11.42 -1.99 15.65
N PRO A 32 12.11 -2.99 15.12
CA PRO A 32 12.50 -2.96 13.69
C PRO A 32 11.33 -2.81 12.71
N SER A 33 10.16 -3.39 13.00
CA SER A 33 9.06 -3.32 12.04
C SER A 33 8.52 -1.89 11.92
N ASP A 34 8.35 -1.20 13.05
CA ASP A 34 8.05 0.23 13.02
C ASP A 34 9.08 0.99 12.20
N MET A 35 10.35 0.59 12.27
CA MET A 35 11.34 1.32 11.50
C MET A 35 11.22 0.98 10.02
N LEU A 36 10.97 -0.29 9.71
CA LEU A 36 10.71 -0.69 8.33
C LEU A 36 9.64 0.19 7.73
N HIS A 37 8.52 0.36 8.46
CA HIS A 37 7.46 1.25 7.99
C HIS A 37 7.95 2.68 7.85
N ILE A 38 8.71 3.17 8.83
CA ILE A 38 9.15 4.56 8.80
C ILE A 38 10.10 4.79 7.63
N SER A 39 11.04 3.87 7.42
CA SER A 39 12.02 4.01 6.35
C SER A 39 11.43 3.75 4.97
N THR A 40 10.23 3.17 4.92
CA THR A 40 9.54 2.91 3.65
C THR A 40 8.72 4.12 3.17
N ASN A 41 8.08 4.85 4.09
CA ASN A 41 7.07 5.84 3.76
C ASN A 41 7.50 7.28 4.03
N CYS A 42 8.80 7.56 4.06
CA CYS A 42 9.28 8.92 4.34
C CYS A 42 10.38 9.23 3.34
N ARG A 43 10.02 9.93 2.27
CA ARG A 43 10.94 10.13 1.17
C ARG A 43 11.82 11.35 1.32
N THR A 44 11.61 12.17 2.35
CA THR A 44 12.44 13.34 2.62
C THR A 44 12.86 13.38 4.08
N ALA A 45 13.94 14.12 4.33
CA ALA A 45 14.39 14.36 5.69
C ALA A 45 13.33 15.08 6.51
N GLU A 46 12.59 16.00 5.89
CA GLU A 46 11.51 16.70 6.57
C GLU A 46 10.50 15.72 7.16
N LYS A 47 9.94 14.86 6.31
CA LYS A 47 8.83 14.02 6.73
C LYS A 47 9.27 12.90 7.68
N MET A 48 10.50 12.42 7.53
CA MET A 48 10.95 11.40 8.47
C MET A 48 11.28 11.99 9.84
N ALA A 49 11.73 13.24 9.90
CA ALA A 49 11.97 13.89 11.18
C ALA A 49 10.69 14.02 12.00
N LEU A 50 9.58 14.44 11.38
CA LEU A 50 8.33 14.55 12.15
C LEU A 50 7.77 13.18 12.48
N THR A 51 8.09 12.18 11.66
CA THR A 51 7.54 10.86 11.89
C THR A 51 8.30 10.14 13.00
N LEU A 52 9.63 10.18 12.94
CA LEU A 52 10.44 9.72 14.06
C LEU A 52 9.99 10.39 15.36
N LEU A 53 9.61 11.66 15.28
CA LEU A 53 9.17 12.38 16.48
C LEU A 53 7.89 11.76 17.04
N ASP A 54 6.89 11.56 16.19
CA ASP A 54 5.66 10.90 16.64
C ASP A 54 5.96 9.53 17.23
N TYR A 55 7.00 8.86 16.75
CA TYR A 55 7.36 7.54 17.25
C TYR A 55 8.27 7.59 18.48
N LEU A 56 8.82 8.75 18.85
CA LEU A 56 9.69 8.81 20.00
C LEU A 56 9.18 9.68 21.13
N PHE A 57 8.29 10.61 20.86
CA PHE A 57 7.74 11.50 21.87
C PHE A 57 6.23 11.41 21.83
N HIS A 58 5.64 10.92 22.92
CA HIS A 58 4.19 10.90 23.01
C HIS A 58 3.68 12.34 22.90
N ARG A 59 2.50 12.50 22.29
CA ARG A 59 2.01 13.84 22.06
C ARG A 59 1.59 14.55 23.34
N GLU A 60 1.33 13.81 24.43
CA GLU A 60 1.24 14.47 25.73
C GLU A 60 2.51 15.26 25.99
N VAL A 61 3.66 14.63 25.73
CA VAL A 61 4.96 15.25 25.94
C VAL A 61 5.20 16.35 24.91
N GLN A 62 4.81 16.11 23.65
CA GLN A 62 5.04 17.10 22.60
C GLN A 62 4.30 18.38 22.86
N ALA A 63 3.14 18.30 23.54
CA ALA A 63 2.37 19.49 23.81
C ALA A 63 3.02 20.36 24.87
N VAL A 64 3.75 19.76 25.82
CA VAL A 64 4.38 20.52 26.88
C VAL A 64 5.86 20.77 26.63
N SER A 65 6.35 20.48 25.42
CA SER A 65 7.78 20.50 25.18
C SER A 65 8.10 21.32 23.95
N ASN A 66 9.38 21.68 23.83
CA ASN A 66 9.98 22.17 22.59
C ASN A 66 11.49 21.95 22.68
N LEU A 67 12.22 22.38 21.65
CA LEU A 67 13.62 21.98 21.56
C LEU A 67 14.47 22.64 22.64
N SER A 68 14.22 23.93 22.91
CA SER A 68 15.02 24.72 23.84
C SER A 68 14.57 24.60 25.29
N GLY A 69 13.40 24.03 25.54
CA GLY A 69 12.92 24.04 26.91
C GLY A 69 12.80 25.44 27.46
N GLN A 70 12.49 26.41 26.62
CA GLN A 70 12.17 27.73 27.10
C GLN A 70 11.16 28.35 26.16
N GLY A 71 10.57 29.44 26.64
CA GLY A 71 9.33 29.94 26.07
C GLY A 71 8.22 29.94 27.10
N LYS A 72 7.13 30.56 26.70
CA LYS A 72 6.02 30.77 27.61
C LYS A 72 5.34 29.44 27.92
N HIS A 73 4.61 29.41 29.03
CA HIS A 73 3.74 28.30 29.43
C HIS A 73 4.50 27.04 29.83
N GLY A 74 5.70 27.20 30.36
CA GLY A 74 6.39 26.08 30.97
C GLY A 74 6.85 25.01 29.99
N LYS A 75 7.44 25.42 28.87
CA LYS A 75 7.86 24.46 27.86
C LYS A 75 9.04 23.64 28.38
N LYS A 76 8.86 22.33 28.49
CA LYS A 76 9.95 21.43 28.81
C LYS A 76 10.80 21.16 27.57
N GLN A 77 11.95 20.53 27.77
CA GLN A 77 12.92 20.32 26.69
C GLN A 77 12.84 18.90 26.15
N LEU A 78 12.53 18.78 24.85
CA LEU A 78 12.61 17.52 24.13
C LEU A 78 13.93 16.81 24.36
N ASP A 79 13.87 15.58 24.90
CA ASP A 79 15.06 14.87 25.37
C ASP A 79 16.22 14.98 24.41
N PRO A 80 17.39 15.39 24.87
CA PRO A 80 18.48 15.66 23.93
C PRO A 80 19.15 14.41 23.35
N LEU A 81 19.24 13.29 24.09
CA LEU A 81 19.88 12.13 23.49
C LEU A 81 19.13 11.68 22.25
N THR A 82 17.80 11.78 22.27
CA THR A 82 17.03 11.35 21.11
C THR A 82 17.04 12.40 20.01
N ILE A 83 17.05 13.69 20.37
CA ILE A 83 17.25 14.70 19.34
C ILE A 83 18.57 14.49 18.63
N TYR A 84 19.63 14.19 19.39
CA TYR A 84 20.89 13.84 18.73
C TYR A 84 20.68 12.59 17.85
N GLY A 85 19.85 11.66 18.31
CA GLY A 85 19.54 10.50 17.50
C GLY A 85 18.92 10.86 16.16
N ILE A 86 17.92 11.74 16.17
CA ILE A 86 17.21 12.05 14.94
C ILE A 86 18.15 12.73 13.94
N ARG A 87 18.94 13.67 14.41
CA ARG A 87 19.92 14.32 13.55
C ARG A 87 20.92 13.29 13.00
N CYS A 88 21.40 12.40 13.87
CA CYS A 88 22.27 11.33 13.42
C CYS A 88 21.60 10.51 12.31
N HIS A 89 20.31 10.28 12.43
CA HIS A 89 19.61 9.48 11.45
C HIS A 89 19.38 10.24 10.15
N LEU A 90 18.90 11.48 10.26
CA LEU A 90 18.68 12.29 9.07
C LEU A 90 19.96 12.49 8.28
N PHE A 91 21.09 12.66 8.97
CA PHE A 91 22.33 12.82 8.21
C PHE A 91 22.79 11.51 7.63
N TYR A 92 22.53 10.40 8.32
CA TYR A 92 22.89 9.09 7.81
C TYR A 92 22.06 8.75 6.57
N LYS A 93 20.74 8.89 6.67
CA LYS A 93 19.88 8.48 5.57
C LYS A 93 19.86 9.52 4.46
N PHE A 94 19.80 10.80 4.81
CA PHE A 94 19.58 11.86 3.84
C PHE A 94 20.75 12.79 3.63
N GLY A 95 21.74 12.81 4.52
CA GLY A 95 22.90 13.66 4.35
C GLY A 95 22.62 15.14 4.51
N ILE A 96 21.82 15.51 5.52
CA ILE A 96 21.35 16.89 5.63
C ILE A 96 22.50 17.85 5.96
N THR A 97 22.31 19.12 5.57
CA THR A 97 23.23 20.19 5.85
C THR A 97 22.76 20.98 7.06
N GLU A 98 23.65 21.87 7.54
CA GLU A 98 23.29 22.78 8.62
C GLU A 98 22.06 23.61 8.23
N SER A 99 22.06 24.15 7.02
CA SER A 99 20.88 24.88 6.53
C SER A 99 19.63 24.04 6.75
N ASP A 100 19.68 22.78 6.30
CA ASP A 100 18.55 21.86 6.46
C ASP A 100 18.17 21.68 7.94
N TRP A 101 19.14 21.30 8.77
CA TRP A 101 18.83 21.01 10.17
C TRP A 101 18.07 22.16 10.83
N TYR A 102 18.44 23.40 10.49
CA TYR A 102 17.72 24.55 11.03
C TYR A 102 16.24 24.49 10.68
N ARG A 103 15.92 24.29 9.39
CA ARG A 103 14.52 24.16 9.00
C ARG A 103 13.85 22.98 9.71
N ILE A 104 14.55 21.85 9.83
CA ILE A 104 13.95 20.72 10.52
C ILE A 104 13.67 21.09 11.98
N LYS A 105 14.55 21.88 12.59
CA LYS A 105 14.30 22.33 13.95
C LYS A 105 13.11 23.29 14.04
N GLN A 106 12.94 24.21 13.06
CA GLN A 106 11.74 25.04 13.09
C GLN A 106 10.47 24.21 12.94
N SER A 107 10.53 23.09 12.20
CA SER A 107 9.31 22.28 12.02
C SER A 107 9.05 21.37 13.21
N ILE A 108 10.11 20.85 13.85
CA ILE A 108 9.92 20.11 15.09
C ILE A 108 9.21 20.98 16.12
N ASP A 109 9.70 22.21 16.32
CA ASP A 109 9.05 23.14 17.24
C ASP A 109 7.63 23.46 16.78
N SER A 110 7.43 23.69 15.49
CA SER A 110 6.08 23.93 15.00
C SER A 110 5.15 22.77 15.35
N LYS A 111 5.62 21.53 15.18
CA LYS A 111 4.76 20.39 15.47
C LYS A 111 4.41 20.33 16.95
N CYS A 112 5.38 20.57 17.82
CA CYS A 112 5.09 20.64 19.25
C CYS A 112 4.15 21.80 19.56
N ARG A 113 4.22 22.88 18.78
CA ARG A 113 3.30 23.99 18.99
C ARG A 113 1.86 23.56 18.73
N THR A 114 1.64 22.74 17.72
CA THR A 114 0.29 22.29 17.43
C THR A 114 -0.18 21.28 18.47
N ALA A 115 0.71 20.40 18.94
CA ALA A 115 0.32 19.49 20.01
C ALA A 115 -0.15 20.27 21.25
N TRP A 116 0.57 21.34 21.58
CA TRP A 116 0.11 22.22 22.66
C TRP A 116 -1.20 22.90 22.30
N ARG A 117 -1.32 23.36 21.04
CA ARG A 117 -2.51 24.06 20.60
C ARG A 117 -3.79 23.28 20.84
N ARG A 118 -3.74 21.95 20.83
CA ARG A 118 -4.97 21.16 20.93
C ARG A 118 -5.22 20.59 22.32
N LYS A 119 -4.23 20.59 23.21
CA LYS A 119 -4.54 20.47 24.63
C LYS A 119 -5.26 21.70 25.14
N GLN A 120 -5.20 22.81 24.38
CA GLN A 120 -5.92 24.02 24.71
C GLN A 120 -7.40 23.92 24.34
N ARG A 121 -7.69 23.61 23.08
CA ARG A 121 -9.06 23.65 22.53
C ARG A 121 -10.09 22.93 23.40
N ILE B 2 6.79 -23.79 -8.23
CA ILE B 2 6.54 -25.15 -8.67
C ILE B 2 6.32 -25.16 -10.18
N THR B 3 6.52 -26.32 -10.82
CA THR B 3 6.51 -26.44 -12.27
C THR B 3 5.50 -27.48 -12.72
N LEU B 4 4.65 -27.09 -13.65
CA LEU B 4 3.69 -28.01 -14.23
C LEU B 4 4.41 -29.18 -14.89
N ASN B 5 3.74 -30.34 -14.92
CA ASN B 5 4.27 -31.50 -15.60
C ASN B 5 3.61 -31.61 -16.97
N SER B 6 3.84 -32.75 -17.62
CA SER B 6 3.30 -33.05 -18.95
C SER B 6 2.72 -34.44 -18.90
N GLU B 7 2.06 -34.82 -20.00
CA GLU B 7 1.35 -36.10 -20.07
C GLU B 7 2.30 -37.27 -19.88
N GLU B 8 3.55 -37.11 -20.34
CA GLU B 8 4.51 -38.21 -20.25
C GLU B 8 4.83 -38.58 -18.81
N ASP B 9 4.33 -37.82 -17.84
CA ASP B 9 4.60 -38.11 -16.43
C ASP B 9 3.69 -39.20 -15.90
N TYR B 10 2.48 -39.32 -16.45
CA TYR B 10 1.57 -40.42 -16.14
C TYR B 10 0.84 -40.78 -17.43
N PRO B 11 1.48 -41.57 -18.30
CA PRO B 11 0.87 -41.90 -19.60
C PRO B 11 -0.47 -42.60 -19.48
N ASN B 12 -0.59 -43.48 -18.48
CA ASN B 12 -1.86 -44.12 -18.15
C ASN B 12 -2.63 -43.37 -17.07
N GLY B 13 -2.30 -42.08 -16.86
CA GLY B 13 -2.96 -41.25 -15.87
C GLY B 13 -4.15 -40.51 -16.43
N THR B 14 -4.46 -39.36 -15.82
CA THR B 14 -5.51 -38.45 -16.24
C THR B 14 -5.05 -37.01 -16.01
N TRP B 15 -5.75 -36.07 -16.64
CA TRP B 15 -5.48 -34.64 -16.48
C TRP B 15 -6.45 -34.06 -15.46
N LEU B 16 -5.92 -33.42 -14.43
CA LEU B 16 -6.73 -32.58 -13.56
C LEU B 16 -6.77 -31.16 -14.14
N GLY B 17 -7.97 -30.64 -14.35
CA GLY B 17 -8.15 -29.33 -14.95
C GLY B 17 -8.64 -29.41 -16.38
N ASP B 18 -8.47 -28.30 -17.09
CA ASP B 18 -8.78 -28.25 -18.52
C ASP B 18 -7.50 -28.61 -19.27
N GLU B 19 -7.61 -29.59 -20.16
CA GLU B 19 -6.44 -30.07 -20.90
C GLU B 19 -5.94 -29.03 -21.92
N ASN B 20 -6.71 -27.98 -22.19
CA ASN B 20 -6.39 -27.11 -23.31
C ASN B 20 -5.44 -25.97 -22.97
N ASN B 21 -5.58 -25.34 -21.77
CA ASN B 21 -4.44 -24.43 -21.53
C ASN B 21 -3.43 -25.12 -20.63
N PRO B 22 -2.17 -25.17 -21.04
CA PRO B 22 -1.16 -25.87 -20.25
C PRO B 22 -0.93 -25.26 -18.89
N GLU B 23 -1.31 -24.01 -18.69
CA GLU B 23 -1.02 -23.29 -17.45
C GLU B 23 -2.02 -23.61 -16.34
N MET B 24 -3.06 -24.39 -16.61
CA MET B 24 -4.02 -24.77 -15.58
C MET B 24 -4.41 -26.23 -15.72
N ARG B 25 -3.43 -27.11 -15.96
CA ARG B 25 -3.68 -28.55 -15.98
C ARG B 25 -2.48 -29.29 -15.42
N VAL B 26 -2.77 -30.26 -14.55
CA VAL B 26 -1.74 -31.12 -13.95
C VAL B 26 -2.08 -32.55 -14.30
N ARG B 27 -1.10 -33.31 -14.76
CA ARG B 27 -1.29 -34.73 -14.99
C ARG B 27 -1.09 -35.50 -13.70
N CYS B 28 -2.04 -36.40 -13.41
CA CYS B 28 -2.04 -37.20 -12.19
C CYS B 28 -2.13 -38.67 -12.55
N ALA B 29 -1.86 -39.52 -11.56
CA ALA B 29 -1.74 -40.95 -11.80
C ALA B 29 -3.09 -41.69 -11.80
N ILE B 30 -4.19 -40.99 -11.53
CA ILE B 30 -5.50 -41.62 -11.48
C ILE B 30 -5.79 -42.19 -12.86
N ILE B 31 -6.16 -43.47 -12.88
CA ILE B 31 -6.61 -44.18 -14.08
C ILE B 31 -7.93 -43.59 -14.55
N PRO B 32 -8.24 -43.58 -15.86
CA PRO B 32 -9.53 -43.04 -16.31
C PRO B 32 -10.77 -43.71 -15.73
N SER B 33 -10.73 -45.03 -15.49
CA SER B 33 -11.89 -45.68 -14.88
C SER B 33 -12.13 -45.13 -13.48
N ASP B 34 -11.06 -45.01 -12.70
CA ASP B 34 -11.17 -44.36 -11.40
C ASP B 34 -11.72 -42.95 -11.53
N MET B 35 -11.33 -42.24 -12.60
CA MET B 35 -11.86 -40.89 -12.78
C MET B 35 -13.33 -40.92 -13.15
N LEU B 36 -13.77 -41.94 -13.90
CA LEU B 36 -15.17 -42.02 -14.29
C LEU B 36 -16.06 -42.17 -13.06
N HIS B 37 -15.62 -43.01 -12.11
CA HIS B 37 -16.34 -43.15 -10.85
C HIS B 37 -16.35 -41.86 -10.04
N ILE B 38 -15.28 -41.06 -10.12
CA ILE B 38 -15.22 -39.86 -9.30
C ILE B 38 -16.15 -38.77 -9.83
N SER B 39 -16.11 -38.50 -11.15
CA SER B 39 -16.96 -37.47 -11.74
C SER B 39 -18.43 -37.84 -11.67
N THR B 40 -18.77 -39.12 -11.79
CA THR B 40 -20.17 -39.49 -11.70
C THR B 40 -20.70 -39.44 -10.27
N ASN B 41 -19.83 -39.49 -9.27
CA ASN B 41 -20.26 -39.73 -7.90
C ASN B 41 -20.04 -38.58 -6.93
N CYS B 42 -19.50 -37.44 -7.36
CA CYS B 42 -19.28 -36.29 -6.47
C CYS B 42 -19.91 -35.06 -7.09
N ARG B 43 -21.01 -34.60 -6.50
CA ARG B 43 -21.80 -33.54 -7.11
C ARG B 43 -21.48 -32.17 -6.50
N THR B 44 -20.40 -32.08 -5.73
CA THR B 44 -19.93 -30.81 -5.16
C THR B 44 -18.42 -30.79 -5.18
N ALA B 45 -17.87 -29.57 -5.27
CA ALA B 45 -16.41 -29.41 -5.18
C ALA B 45 -15.89 -29.89 -3.85
N GLU B 46 -16.60 -29.53 -2.77
CA GLU B 46 -16.28 -30.03 -1.43
C GLU B 46 -16.10 -31.54 -1.43
N LYS B 47 -17.08 -32.26 -1.97
CA LYS B 47 -17.02 -33.72 -1.97
C LYS B 47 -15.97 -34.24 -2.93
N MET B 48 -15.80 -33.59 -4.08
CA MET B 48 -14.82 -34.06 -5.04
C MET B 48 -13.38 -33.80 -4.58
N ALA B 49 -13.16 -32.71 -3.85
CA ALA B 49 -11.81 -32.41 -3.37
C ALA B 49 -11.32 -33.50 -2.42
N LEU B 50 -12.20 -33.92 -1.51
CA LEU B 50 -11.78 -34.89 -0.50
C LEU B 50 -11.66 -36.27 -1.10
N THR B 51 -12.54 -36.57 -2.06
CA THR B 51 -12.44 -37.84 -2.77
C THR B 51 -11.18 -37.88 -3.63
N LEU B 52 -10.90 -36.78 -4.34
CA LEU B 52 -9.66 -36.70 -5.10
C LEU B 52 -8.47 -36.93 -4.18
N LEU B 53 -8.52 -36.35 -2.97
CA LEU B 53 -7.41 -36.46 -2.06
C LEU B 53 -7.14 -37.92 -1.68
N ASP B 54 -8.21 -38.64 -1.33
CA ASP B 54 -8.04 -40.07 -1.10
C ASP B 54 -7.49 -40.80 -2.30
N TYR B 55 -7.62 -40.25 -3.52
CA TYR B 55 -7.09 -40.92 -4.69
C TYR B 55 -5.67 -40.48 -5.06
N LEU B 56 -5.12 -39.46 -4.41
CA LEU B 56 -3.76 -39.03 -4.70
C LEU B 56 -2.83 -39.09 -3.50
N PHE B 57 -3.35 -39.07 -2.28
CA PHE B 57 -2.51 -39.13 -1.10
C PHE B 57 -2.93 -40.32 -0.25
N HIS B 58 -1.99 -41.22 -0.01
CA HIS B 58 -2.26 -42.34 0.87
C HIS B 58 -2.61 -41.84 2.27
N ARG B 59 -3.42 -42.63 2.99
CA ARG B 59 -3.75 -42.26 4.36
C ARG B 59 -2.51 -42.25 5.25
N GLU B 60 -1.54 -43.12 4.99
CA GLU B 60 -0.23 -43.00 5.61
C GLU B 60 0.27 -41.56 5.50
N VAL B 61 0.30 -41.05 4.26
CA VAL B 61 0.81 -39.72 3.99
C VAL B 61 -0.13 -38.65 4.52
N GLN B 62 -1.45 -38.90 4.42
CA GLN B 62 -2.40 -37.90 4.89
C GLN B 62 -2.25 -37.68 6.39
N ALA B 63 -1.96 -38.74 7.14
CA ALA B 63 -1.83 -38.63 8.59
C ALA B 63 -0.64 -37.77 8.99
N VAL B 64 0.45 -37.85 8.24
CA VAL B 64 1.65 -37.14 8.64
C VAL B 64 1.59 -35.68 8.21
N SER B 65 0.73 -35.36 7.22
CA SER B 65 0.89 -34.15 6.44
C SER B 65 -0.24 -33.16 6.71
N ASN B 66 0.01 -31.91 6.33
CA ASN B 66 -1.06 -30.94 6.05
C ASN B 66 -0.61 -30.03 4.89
N LEU B 67 -1.37 -28.97 4.64
CA LEU B 67 -1.08 -28.13 3.47
C LEU B 67 0.11 -27.18 3.68
N SER B 68 0.42 -26.81 4.93
CA SER B 68 1.49 -25.85 5.20
C SER B 68 2.85 -26.47 5.42
N GLY B 69 2.91 -27.79 5.66
CA GLY B 69 4.16 -28.34 6.14
C GLY B 69 4.61 -27.72 7.44
N GLN B 70 3.68 -27.08 8.14
CA GLN B 70 3.95 -26.43 9.39
C GLN B 70 2.88 -26.80 10.38
N GLY B 71 3.21 -26.71 11.64
CA GLY B 71 2.32 -27.18 12.66
C GLY B 71 3.04 -28.10 13.60
N LYS B 72 2.27 -28.68 14.51
CA LYS B 72 2.81 -29.52 15.55
C LYS B 72 2.86 -30.96 15.07
N HIS B 73 3.83 -31.70 15.61
CA HIS B 73 4.02 -33.15 15.42
C HIS B 73 4.69 -33.51 14.10
N GLY B 74 5.44 -32.58 13.57
CA GLY B 74 6.07 -32.78 12.31
C GLY B 74 5.22 -32.98 11.11
N LYS B 75 4.45 -32.01 10.76
CA LYS B 75 3.66 -32.10 9.58
C LYS B 75 4.49 -31.97 8.35
N LYS B 76 4.18 -32.69 7.31
CA LYS B 76 4.86 -32.58 6.05
C LYS B 76 3.95 -31.89 5.08
N GLN B 77 4.48 -31.22 4.09
CA GLN B 77 3.55 -30.52 3.22
C GLN B 77 2.96 -31.46 2.14
N LEU B 78 1.66 -31.46 1.99
CA LEU B 78 1.06 -32.23 0.95
C LEU B 78 1.57 -31.65 -0.33
N ASP B 79 1.93 -32.48 -1.29
CA ASP B 79 2.55 -32.09 -2.52
C ASP B 79 1.84 -30.99 -3.22
N PRO B 80 2.53 -29.90 -3.48
CA PRO B 80 1.90 -28.76 -4.10
C PRO B 80 1.47 -28.95 -5.51
N LEU B 81 2.26 -29.60 -6.32
CA LEU B 81 1.82 -29.78 -7.69
C LEU B 81 0.49 -30.50 -7.74
N THR B 82 0.31 -31.43 -6.82
CA THR B 82 -0.95 -32.16 -6.75
C THR B 82 -2.06 -31.26 -6.25
N ILE B 83 -1.76 -30.43 -5.25
CA ILE B 83 -2.75 -29.49 -4.74
C ILE B 83 -3.14 -28.51 -5.83
N TYR B 84 -2.14 -28.00 -6.56
CA TYR B 84 -2.45 -27.11 -7.67
C TYR B 84 -3.41 -27.79 -8.63
N GLY B 85 -3.19 -29.08 -8.89
CA GLY B 85 -4.08 -29.81 -9.77
C GLY B 85 -5.49 -29.94 -9.22
N ILE B 86 -5.61 -30.26 -7.93
CA ILE B 86 -6.94 -30.39 -7.35
C ILE B 86 -7.74 -29.11 -7.53
N ARG B 87 -7.10 -27.96 -7.28
CA ARG B 87 -7.83 -26.71 -7.42
C ARG B 87 -8.07 -26.38 -8.89
N CYS B 88 -7.12 -26.73 -9.77
CA CYS B 88 -7.38 -26.61 -11.20
C CYS B 88 -8.59 -27.45 -11.60
N HIS B 89 -8.80 -28.57 -10.93
CA HIS B 89 -9.92 -29.41 -11.29
C HIS B 89 -11.24 -28.83 -10.80
N LEU B 90 -11.28 -28.38 -9.55
CA LEU B 90 -12.53 -27.88 -9.01
C LEU B 90 -12.94 -26.57 -9.69
N PHE B 91 -11.98 -25.82 -10.23
CA PHE B 91 -12.41 -24.62 -10.92
C PHE B 91 -12.84 -24.95 -12.34
N TYR B 92 -12.26 -26.02 -12.89
CA TYR B 92 -12.72 -26.52 -14.18
C TYR B 92 -14.13 -27.09 -14.08
N LYS B 93 -14.36 -28.00 -13.13
CA LYS B 93 -15.66 -28.67 -13.05
C LYS B 93 -16.73 -27.83 -12.36
N PHE B 94 -16.35 -27.00 -11.38
CA PHE B 94 -17.33 -26.31 -10.55
C PHE B 94 -17.21 -24.79 -10.51
N GLY B 95 -16.14 -24.20 -11.04
CA GLY B 95 -16.04 -22.74 -11.07
C GLY B 95 -15.89 -22.10 -9.72
N ILE B 96 -15.20 -22.76 -8.80
CA ILE B 96 -15.13 -22.31 -7.41
C ILE B 96 -14.53 -20.92 -7.28
N THR B 97 -14.98 -20.19 -6.24
CA THR B 97 -14.51 -18.86 -5.92
C THR B 97 -13.40 -18.91 -4.87
N GLU B 98 -12.75 -17.76 -4.65
CA GLU B 98 -11.73 -17.66 -3.62
C GLU B 98 -12.29 -18.06 -2.26
N SER B 99 -13.46 -17.54 -1.89
CA SER B 99 -14.08 -17.97 -0.64
C SER B 99 -14.22 -19.50 -0.61
N ASP B 100 -14.72 -20.09 -1.71
CA ASP B 100 -14.90 -21.54 -1.75
C ASP B 100 -13.58 -22.26 -1.52
N TRP B 101 -12.50 -21.83 -2.19
CA TRP B 101 -11.24 -22.53 -2.03
C TRP B 101 -10.75 -22.48 -0.60
N TYR B 102 -11.14 -21.44 0.16
CA TYR B 102 -10.73 -21.34 1.55
C TYR B 102 -11.35 -22.47 2.38
N ARG B 103 -12.67 -22.64 2.32
CA ARG B 103 -13.30 -23.72 3.11
C ARG B 103 -12.79 -25.08 2.68
N ILE B 104 -12.56 -25.27 1.38
CA ILE B 104 -12.08 -26.57 0.92
C ILE B 104 -10.69 -26.85 1.45
N LYS B 105 -9.87 -25.80 1.60
CA LYS B 105 -8.58 -26.01 2.21
C LYS B 105 -8.70 -26.37 3.69
N GLN B 106 -9.68 -25.79 4.40
CA GLN B 106 -9.93 -26.26 5.77
C GLN B 106 -10.40 -27.70 5.78
N SER B 107 -11.25 -28.09 4.82
CA SER B 107 -11.70 -29.48 4.75
C SER B 107 -10.52 -30.43 4.52
N ILE B 108 -9.71 -30.14 3.50
CA ILE B 108 -8.55 -30.99 3.24
C ILE B 108 -7.72 -31.14 4.51
N ASP B 109 -7.40 -30.03 5.17
CA ASP B 109 -6.61 -30.06 6.39
C ASP B 109 -7.36 -30.79 7.51
N SER B 110 -8.63 -30.45 7.71
CA SER B 110 -9.45 -31.18 8.65
C SER B 110 -9.42 -32.68 8.38
N LYS B 111 -9.51 -33.09 7.11
CA LYS B 111 -9.46 -34.50 6.77
C LYS B 111 -8.10 -35.12 7.07
N CYS B 112 -7.02 -34.35 6.90
CA CYS B 112 -5.70 -34.83 7.32
C CYS B 112 -5.63 -35.00 8.82
N ARG B 113 -6.39 -34.19 9.57
CA ARG B 113 -6.38 -34.35 11.02
C ARG B 113 -7.00 -35.69 11.40
N THR B 114 -8.10 -36.07 10.75
CA THR B 114 -8.72 -37.37 11.00
C THR B 114 -7.73 -38.49 10.72
N ALA B 115 -6.96 -38.39 9.64
CA ALA B 115 -6.04 -39.48 9.35
C ALA B 115 -4.93 -39.58 10.41
N TRP B 116 -4.52 -38.46 10.98
CA TRP B 116 -3.50 -38.50 12.01
C TRP B 116 -4.05 -38.92 13.37
N ARG B 117 -5.20 -38.37 13.79
CA ARG B 117 -5.77 -38.74 15.08
C ARG B 117 -5.89 -40.25 15.26
N ARG B 118 -6.28 -40.96 14.18
CA ARG B 118 -6.50 -42.40 14.25
C ARG B 118 -5.21 -43.22 14.06
N LYS B 119 -4.17 -42.64 13.43
CA LYS B 119 -2.87 -43.32 13.34
C LYS B 119 -2.34 -43.70 14.72
N GLN B 120 -2.77 -42.99 15.77
CA GLN B 120 -2.25 -43.23 17.11
C GLN B 120 -3.35 -43.43 18.15
N ARG B 121 -4.57 -43.72 17.73
CA ARG B 121 -5.69 -43.87 18.68
C ARG B 121 -5.46 -45.03 19.65
N ILE C 2 -17.17 28.25 -22.52
CA ILE C 2 -17.72 28.26 -23.88
C ILE C 2 -16.96 27.26 -24.75
N THR C 3 -17.14 27.33 -26.07
CA THR C 3 -16.16 26.70 -26.95
C THR C 3 -14.86 27.49 -26.89
N LEU C 4 -13.77 26.84 -27.32
CA LEU C 4 -12.46 27.47 -27.28
C LEU C 4 -12.57 28.89 -27.80
N ASN C 5 -12.56 29.84 -26.87
CA ASN C 5 -12.91 31.22 -27.17
C ASN C 5 -11.97 31.83 -28.18
N SER C 6 -12.25 33.09 -28.54
CA SER C 6 -11.37 33.90 -29.36
C SER C 6 -10.70 34.97 -28.52
N GLU C 7 -9.69 35.59 -29.10
CA GLU C 7 -8.93 36.62 -28.42
C GLU C 7 -9.73 37.90 -28.20
N GLU C 8 -10.72 38.17 -29.05
CA GLU C 8 -11.63 39.29 -28.81
C GLU C 8 -12.39 39.16 -27.49
N ASP C 9 -12.47 37.96 -26.92
CA ASP C 9 -13.24 37.81 -25.68
C ASP C 9 -12.61 38.61 -24.55
N TYR C 10 -11.29 38.72 -24.55
CA TYR C 10 -10.56 39.57 -23.61
C TYR C 10 -9.47 40.27 -24.39
N PRO C 11 -9.82 41.38 -25.08
CA PRO C 11 -8.86 41.96 -26.03
C PRO C 11 -7.53 42.31 -25.40
N ASN C 12 -7.52 42.81 -24.16
CA ASN C 12 -6.30 43.17 -23.45
C ASN C 12 -5.89 42.14 -22.39
N GLY C 13 -6.39 40.92 -22.46
CA GLY C 13 -6.02 39.89 -21.50
C GLY C 13 -4.80 39.08 -21.90
N THR C 14 -4.79 37.77 -21.61
CA THR C 14 -3.64 36.92 -21.87
C THR C 14 -4.09 35.52 -22.26
N TRP C 15 -3.13 34.74 -22.76
CA TRP C 15 -3.33 33.38 -23.19
C TRP C 15 -2.89 32.39 -22.11
N LEU C 16 -3.75 31.43 -21.82
CA LEU C 16 -3.36 30.21 -21.11
C LEU C 16 -3.06 29.13 -22.14
N GLY C 17 -1.85 28.59 -22.11
CA GLY C 17 -1.47 27.48 -22.95
C GLY C 17 -0.61 27.85 -24.13
N ASP C 18 -0.75 27.08 -25.21
CA ASP C 18 0.06 27.24 -26.41
C ASP C 18 -0.59 28.28 -27.32
N GLU C 19 0.06 29.43 -27.47
CA GLU C 19 -0.57 30.48 -28.26
C GLU C 19 -0.68 30.12 -29.73
N ASN C 20 0.30 29.36 -30.26
CA ASN C 20 0.27 28.89 -31.65
C ASN C 20 -0.39 27.52 -31.78
N ASN C 21 -1.34 27.20 -30.91
CA ASN C 21 -2.04 25.91 -30.94
C ASN C 21 -3.46 26.17 -30.49
N PRO C 22 -4.38 26.38 -31.44
CA PRO C 22 -5.70 26.92 -31.07
C PRO C 22 -6.54 25.98 -30.24
N GLU C 23 -6.20 24.70 -30.19
CA GLU C 23 -6.94 23.77 -29.35
C GLU C 23 -6.39 23.70 -27.93
N MET C 24 -5.12 24.03 -27.75
CA MET C 24 -4.49 24.02 -26.44
C MET C 24 -4.18 25.44 -25.93
N ARG C 25 -5.10 26.37 -26.16
CA ARG C 25 -4.97 27.74 -25.68
C ARG C 25 -6.36 28.26 -25.32
N VAL C 26 -6.42 29.02 -24.22
CA VAL C 26 -7.63 29.69 -23.79
C VAL C 26 -7.25 31.13 -23.47
N ARG C 27 -8.02 32.08 -23.99
CA ARG C 27 -7.80 33.47 -23.65
C ARG C 27 -8.50 33.80 -22.35
N CYS C 28 -7.81 34.53 -21.47
CA CYS C 28 -8.33 34.84 -20.15
C CYS C 28 -8.08 36.32 -19.83
N ALA C 29 -8.70 36.76 -18.74
CA ALA C 29 -8.74 38.15 -18.36
C ALA C 29 -7.56 38.56 -17.49
N ILE C 30 -6.64 37.65 -17.20
CA ILE C 30 -5.45 38.01 -16.43
C ILE C 30 -4.67 39.08 -17.18
N ILE C 31 -4.41 40.20 -16.52
CA ILE C 31 -3.72 41.27 -17.22
C ILE C 31 -2.27 40.87 -17.37
N PRO C 32 -1.53 41.49 -18.31
CA PRO C 32 -0.19 40.98 -18.63
C PRO C 32 0.84 41.18 -17.51
N SER C 33 0.75 42.28 -16.75
CA SER C 33 1.61 42.41 -15.58
C SER C 33 1.39 41.26 -14.60
N ASP C 34 0.14 40.83 -14.43
CA ASP C 34 -0.12 39.74 -13.49
C ASP C 34 0.47 38.43 -14.00
N MET C 35 0.27 38.12 -15.29
CA MET C 35 0.78 36.88 -15.84
C MET C 35 2.30 36.80 -15.73
N LEU C 36 3.00 37.89 -16.08
CA LEU C 36 4.43 37.93 -15.85
C LEU C 36 4.78 37.57 -14.41
N HIS C 37 4.06 38.14 -13.45
CA HIS C 37 4.35 37.80 -12.07
C HIS C 37 4.17 36.32 -11.81
N ILE C 38 3.11 35.73 -12.38
CA ILE C 38 2.88 34.29 -12.24
C ILE C 38 4.03 33.51 -12.86
N SER C 39 4.45 33.91 -14.06
CA SER C 39 5.51 33.21 -14.77
C SER C 39 6.85 33.34 -14.04
N THR C 40 7.04 34.43 -13.32
CA THR C 40 8.29 34.61 -12.61
C THR C 40 8.28 33.89 -11.27
N ASN C 41 7.26 34.13 -10.47
CA ASN C 41 7.35 33.78 -9.07
C ASN C 41 6.76 32.41 -8.74
N CYS C 42 6.10 31.74 -9.71
CA CYS C 42 5.58 30.38 -9.53
C CYS C 42 6.51 29.42 -10.26
N ARG C 43 7.31 28.68 -9.49
CA ARG C 43 8.33 27.83 -10.08
C ARG C 43 7.91 26.38 -10.19
N THR C 44 6.65 26.08 -9.94
CA THR C 44 6.22 24.70 -10.11
C THR C 44 4.76 24.66 -10.53
N ALA C 45 4.44 23.64 -11.33
CA ALA C 45 3.06 23.43 -11.76
C ALA C 45 2.08 23.44 -10.59
N GLU C 46 2.48 22.88 -9.45
CA GLU C 46 1.56 22.80 -8.33
C GLU C 46 1.22 24.18 -7.79
N LYS C 47 2.22 25.06 -7.64
CA LYS C 47 1.92 26.41 -7.18
C LYS C 47 1.27 27.25 -8.28
N MET C 48 1.71 27.07 -9.54
CA MET C 48 1.10 27.87 -10.61
C MET C 48 -0.40 27.61 -10.71
N ALA C 49 -0.82 26.37 -10.42
CA ALA C 49 -2.24 26.01 -10.55
C ALA C 49 -3.07 26.71 -9.49
N LEU C 50 -2.63 26.63 -8.23
CA LEU C 50 -3.35 27.28 -7.16
C LEU C 50 -3.28 28.79 -7.28
N THR C 51 -2.18 29.32 -7.82
CA THR C 51 -2.07 30.76 -7.99
C THR C 51 -2.92 31.23 -9.15
N LEU C 52 -2.90 30.48 -10.26
CA LEU C 52 -3.79 30.79 -11.38
C LEU C 52 -5.24 30.74 -10.94
N LEU C 53 -5.59 29.75 -10.11
CA LEU C 53 -6.94 29.63 -9.58
C LEU C 53 -7.41 30.95 -8.97
N ASP C 54 -6.54 31.61 -8.21
CA ASP C 54 -6.95 32.80 -7.48
C ASP C 54 -7.11 34.00 -8.39
N TYR C 55 -6.42 34.02 -9.53
CA TYR C 55 -6.56 35.07 -10.53
C TYR C 55 -7.70 34.85 -11.53
N LEU C 56 -8.33 33.67 -11.56
CA LEU C 56 -9.39 33.41 -12.52
C LEU C 56 -10.75 33.15 -11.88
N PHE C 57 -10.81 32.98 -10.56
CA PHE C 57 -12.06 32.75 -9.86
C PHE C 57 -11.99 33.49 -8.53
N HIS C 58 -12.98 34.33 -8.25
CA HIS C 58 -13.04 34.97 -6.95
C HIS C 58 -13.30 33.94 -5.84
N ARG C 59 -12.95 34.32 -4.62
CA ARG C 59 -13.13 33.48 -3.44
C ARG C 59 -14.56 32.97 -3.28
N GLU C 60 -15.55 33.84 -3.47
CA GLU C 60 -16.94 33.47 -3.25
C GLU C 60 -17.42 32.46 -4.28
N VAL C 61 -16.84 32.49 -5.48
CA VAL C 61 -17.14 31.44 -6.46
C VAL C 61 -16.49 30.13 -6.03
N GLN C 62 -15.23 30.20 -5.57
CA GLN C 62 -14.52 29.00 -5.15
C GLN C 62 -15.20 28.31 -3.98
N ALA C 63 -15.89 29.07 -3.12
CA ALA C 63 -16.47 28.50 -1.92
C ALA C 63 -17.56 27.50 -2.25
N VAL C 64 -18.41 27.81 -3.24
CA VAL C 64 -19.54 26.95 -3.56
C VAL C 64 -19.28 26.17 -4.84
N SER C 65 -18.02 25.95 -5.16
CA SER C 65 -17.69 25.24 -6.39
C SER C 65 -16.71 24.11 -6.12
N ASN C 66 -16.73 23.15 -7.03
CA ASN C 66 -15.67 22.16 -7.19
C ASN C 66 -15.59 21.80 -8.66
N LEU C 67 -14.65 20.92 -8.99
CA LEU C 67 -14.28 20.70 -10.38
C LEU C 67 -15.39 20.03 -11.18
N SER C 68 -16.20 19.19 -10.53
CA SER C 68 -17.17 18.33 -11.20
C SER C 68 -18.60 18.83 -11.13
N GLY C 69 -18.93 19.65 -10.13
CA GLY C 69 -20.31 20.03 -9.88
C GLY C 69 -21.09 19.05 -9.04
N GLN C 70 -20.63 17.80 -8.92
CA GLN C 70 -21.26 16.79 -8.07
C GLN C 70 -20.68 16.90 -6.66
N GLY C 71 -21.55 16.93 -5.66
CA GLY C 71 -21.09 16.95 -4.28
C GLY C 71 -22.27 16.80 -3.34
N LYS C 72 -21.96 16.31 -2.14
CA LYS C 72 -22.97 16.19 -1.08
C LYS C 72 -23.76 17.49 -0.89
N HIS C 73 -23.17 18.56 -1.34
CA HIS C 73 -23.77 19.85 -1.29
C HIS C 73 -24.14 20.24 -2.68
N GLY C 74 -25.02 21.19 -2.84
CA GLY C 74 -25.39 21.61 -4.18
C GLY C 74 -24.44 22.61 -4.80
N LYS C 75 -23.25 22.11 -5.12
CA LYS C 75 -22.16 22.85 -5.63
C LYS C 75 -22.30 23.17 -7.01
N LYS C 76 -21.59 24.18 -7.34
CA LYS C 76 -21.50 24.60 -8.73
C LYS C 76 -20.16 24.14 -9.32
N GLN C 77 -20.09 24.19 -10.63
CA GLN C 77 -18.92 23.70 -11.34
C GLN C 77 -18.02 24.87 -11.74
N LEU C 78 -16.73 24.75 -11.46
CA LEU C 78 -15.78 25.73 -11.98
C LEU C 78 -15.81 25.65 -13.50
N ASP C 79 -16.10 26.79 -14.13
CA ASP C 79 -16.25 26.92 -15.58
C ASP C 79 -15.23 26.06 -16.30
N PRO C 80 -15.66 24.98 -16.93
CA PRO C 80 -14.70 24.02 -17.52
C PRO C 80 -13.79 24.63 -18.56
N LEU C 81 -14.20 25.72 -19.24
CA LEU C 81 -13.33 26.35 -20.20
C LEU C 81 -12.09 26.93 -19.51
N THR C 82 -12.29 27.60 -18.38
CA THR C 82 -11.18 28.16 -17.63
C THR C 82 -10.26 27.05 -17.13
N ILE C 83 -10.86 26.02 -16.50
CA ILE C 83 -10.09 24.87 -16.01
C ILE C 83 -9.34 24.20 -17.15
N TYR C 84 -9.89 24.22 -18.36
CA TYR C 84 -9.14 23.69 -19.48
C TYR C 84 -7.88 24.51 -19.71
N GLY C 85 -8.01 25.84 -19.65
CA GLY C 85 -6.85 26.70 -19.88
C GLY C 85 -5.75 26.47 -18.86
N ILE C 86 -6.10 26.47 -17.56
CA ILE C 86 -5.13 26.13 -16.54
C ILE C 86 -4.37 24.88 -16.93
N ARG C 87 -5.12 23.83 -17.30
CA ARG C 87 -4.52 22.56 -17.70
C ARG C 87 -3.58 22.74 -18.88
N CYS C 88 -4.08 23.34 -19.96
CA CYS C 88 -3.22 23.62 -21.11
C CYS C 88 -1.96 24.36 -20.69
N HIS C 89 -2.10 25.33 -19.77
CA HIS C 89 -0.96 26.15 -19.36
C HIS C 89 0.08 25.33 -18.63
N LEU C 90 -0.34 24.63 -17.57
CA LEU C 90 0.61 23.84 -16.79
C LEU C 90 1.34 22.83 -17.67
N PHE C 91 0.67 22.28 -18.69
CA PHE C 91 1.37 21.37 -19.59
C PHE C 91 2.26 22.14 -20.57
N TYR C 92 1.79 23.31 -21.03
CA TYR C 92 2.59 24.11 -21.95
C TYR C 92 3.89 24.58 -21.30
N LYS C 93 3.89 24.82 -20.00
CA LYS C 93 5.06 25.42 -19.35
C LYS C 93 5.65 24.53 -18.25
N PHE C 94 5.26 23.29 -18.16
CA PHE C 94 5.95 22.33 -17.31
C PHE C 94 5.92 20.93 -17.89
N GLY C 95 5.16 20.68 -18.95
CA GLY C 95 5.06 19.37 -19.55
C GLY C 95 4.59 18.35 -18.53
N ILE C 96 3.50 18.67 -17.83
CA ILE C 96 3.01 17.81 -16.76
C ILE C 96 2.35 16.56 -17.33
N THR C 97 2.41 15.48 -16.55
CA THR C 97 1.69 14.25 -16.87
C THR C 97 0.19 14.44 -16.66
N GLU C 98 -0.57 13.57 -17.31
CA GLU C 98 -1.96 13.42 -16.91
C GLU C 98 -2.06 12.88 -15.48
N SER C 99 -1.06 12.13 -15.03
CA SER C 99 -1.02 11.74 -13.62
C SER C 99 -0.88 12.96 -12.74
N ASP C 100 0.06 13.84 -13.10
CA ASP C 100 0.24 15.09 -12.38
C ASP C 100 -1.04 15.90 -12.37
N TRP C 101 -1.58 16.17 -13.56
CA TRP C 101 -2.81 16.93 -13.64
C TRP C 101 -3.85 16.38 -12.69
N TYR C 102 -3.89 15.05 -12.58
CA TYR C 102 -4.87 14.40 -11.71
C TYR C 102 -4.65 14.76 -10.26
N ARG C 103 -3.40 14.71 -9.80
CA ARG C 103 -3.14 15.06 -8.40
C ARG C 103 -3.28 16.56 -8.19
N ILE C 104 -2.79 17.36 -9.13
CA ILE C 104 -3.01 18.81 -9.10
C ILE C 104 -4.49 19.12 -8.99
N LYS C 105 -5.33 18.29 -9.64
CA LYS C 105 -6.75 18.61 -9.63
C LYS C 105 -7.38 18.32 -8.28
N GLN C 106 -6.78 17.45 -7.49
CA GLN C 106 -7.29 17.29 -6.14
C GLN C 106 -6.88 18.46 -5.27
N SER C 107 -5.71 19.04 -5.55
CA SER C 107 -5.29 20.24 -4.84
C SER C 107 -6.26 21.40 -5.08
N ILE C 108 -6.62 21.63 -6.35
CA ILE C 108 -7.67 22.61 -6.68
C ILE C 108 -8.93 22.36 -5.84
N ASP C 109 -9.46 21.13 -5.92
CA ASP C 109 -10.68 20.76 -5.20
C ASP C 109 -10.54 20.98 -3.69
N SER C 110 -9.36 20.68 -3.13
CA SER C 110 -9.12 20.89 -1.70
C SER C 110 -9.03 22.38 -1.34
N LYS C 111 -8.51 23.22 -2.25
CA LYS C 111 -8.51 24.65 -2.01
C LYS C 111 -9.92 25.20 -1.94
N CYS C 112 -10.71 24.97 -2.98
CA CYS C 112 -12.11 25.39 -2.94
C CYS C 112 -12.80 24.87 -1.69
N ARG C 113 -12.43 23.65 -1.26
CA ARG C 113 -13.01 23.11 -0.03
C ARG C 113 -12.66 23.98 1.19
N THR C 114 -11.41 24.46 1.30
CA THR C 114 -11.15 25.33 2.45
C THR C 114 -11.87 26.66 2.28
N ALA C 115 -12.03 27.14 1.04
CA ALA C 115 -12.81 28.37 0.83
C ALA C 115 -14.23 28.20 1.35
N TRP C 116 -14.81 27.01 1.14
CA TRP C 116 -16.09 26.68 1.75
C TRP C 116 -16.01 26.80 3.27
N ARG C 117 -14.91 26.34 3.87
CA ARG C 117 -14.81 26.31 5.32
C ARG C 117 -14.80 27.71 5.93
N ARG C 118 -14.08 28.65 5.31
CA ARG C 118 -14.04 30.02 5.82
C ARG C 118 -15.40 30.70 5.69
N LYS C 119 -16.10 30.49 4.58
CA LYS C 119 -17.39 31.14 4.38
C LYS C 119 -18.37 30.84 5.51
N GLN C 120 -18.32 29.63 6.05
CA GLN C 120 -19.16 29.25 7.19
C GLN C 120 -18.49 29.55 8.51
N ARG C 121 -17.24 30.04 8.49
CA ARG C 121 -16.55 30.53 9.69
C ARG C 121 -16.32 32.05 9.62
N GLY C 122 -17.28 32.78 9.06
CA GLY C 122 -17.16 34.22 8.91
C GLY C 122 -18.15 34.79 7.89
N LEU D 4 14.08 -8.16 8.68
CA LEU D 4 13.60 -9.07 7.64
C LEU D 4 13.79 -10.54 8.08
N ASN D 5 12.91 -11.41 7.62
CA ASN D 5 12.86 -12.78 8.08
C ASN D 5 13.72 -13.70 7.23
N SER D 6 13.94 -14.91 7.73
CA SER D 6 14.58 -15.96 6.96
C SER D 6 13.57 -17.02 6.51
N GLU D 7 14.01 -17.83 5.55
CA GLU D 7 13.19 -18.90 4.98
C GLU D 7 12.64 -19.84 6.05
N GLU D 8 13.43 -20.10 7.09
CA GLU D 8 12.99 -20.97 8.17
C GLU D 8 11.75 -20.45 8.88
N ASP D 9 11.43 -19.15 8.76
CA ASP D 9 10.18 -18.66 9.35
C ASP D 9 8.98 -19.35 8.74
N TYR D 10 9.09 -19.76 7.46
CA TYR D 10 8.07 -20.57 6.79
C TYR D 10 8.75 -21.63 5.94
N PRO D 11 9.17 -22.74 6.54
CA PRO D 11 9.98 -23.72 5.79
C PRO D 11 9.38 -24.06 4.44
N ASN D 12 8.07 -24.36 4.40
CA ASN D 12 7.35 -24.70 3.19
C ASN D 12 6.38 -23.59 2.74
N GLY D 13 6.75 -22.34 2.96
CA GLY D 13 5.99 -21.19 2.49
C GLY D 13 6.48 -20.72 1.13
N THR D 14 6.42 -19.40 0.91
CA THR D 14 6.87 -18.82 -0.35
C THR D 14 7.49 -17.44 -0.12
N TRP D 15 8.21 -16.98 -1.14
CA TRP D 15 8.95 -15.72 -1.12
C TRP D 15 8.14 -14.63 -1.84
N LEU D 16 7.88 -13.54 -1.14
CA LEU D 16 7.48 -12.30 -1.80
C LEU D 16 8.71 -11.48 -2.18
N GLY D 17 8.79 -11.08 -3.44
CA GLY D 17 9.88 -10.27 -3.95
C GLY D 17 10.91 -11.05 -4.74
N ASP D 18 12.16 -10.62 -4.70
CA ASP D 18 13.24 -11.30 -5.39
C ASP D 18 13.94 -12.23 -4.41
N GLU D 19 13.96 -13.52 -4.73
CA GLU D 19 14.66 -14.46 -3.86
C GLU D 19 16.16 -14.20 -3.89
N ASN D 20 16.67 -13.70 -5.01
CA ASN D 20 18.08 -13.34 -5.20
C ASN D 20 18.39 -11.90 -4.78
N ASN D 21 17.77 -11.42 -3.71
CA ASN D 21 18.01 -10.11 -3.13
C ASN D 21 17.55 -10.18 -1.69
N PRO D 22 18.48 -10.24 -0.73
CA PRO D 22 18.08 -10.46 0.67
C PRO D 22 17.43 -9.24 1.30
N GLU D 23 17.47 -8.10 0.62
CA GLU D 23 16.85 -6.87 1.11
C GLU D 23 15.46 -6.64 0.57
N MET D 24 15.14 -7.23 -0.57
CA MET D 24 13.86 -7.06 -1.22
C MET D 24 13.09 -8.39 -1.28
N ARG D 25 13.21 -9.21 -0.24
CA ARG D 25 12.52 -10.49 -0.17
C ARG D 25 11.99 -10.72 1.24
N VAL D 26 10.74 -11.17 1.29
CA VAL D 26 10.07 -11.48 2.55
C VAL D 26 9.49 -12.89 2.43
N ARG D 27 9.95 -13.78 3.29
CA ARG D 27 9.36 -15.10 3.38
C ARG D 27 7.94 -15.00 3.92
N CYS D 28 7.00 -15.73 3.31
CA CYS D 28 5.61 -15.65 3.73
C CYS D 28 5.01 -17.05 3.76
N ALA D 29 3.81 -17.13 4.33
CA ALA D 29 3.15 -18.40 4.58
C ALA D 29 2.30 -18.88 3.41
N ILE D 30 2.22 -18.12 2.31
CA ILE D 30 1.46 -18.58 1.17
C ILE D 30 2.03 -19.88 0.65
N ILE D 31 1.18 -20.88 0.51
CA ILE D 31 1.65 -22.19 0.05
C ILE D 31 1.92 -22.13 -1.45
N PRO D 32 2.84 -22.95 -1.95
CA PRO D 32 3.29 -22.78 -3.34
C PRO D 32 2.21 -23.01 -4.37
N SER D 33 1.38 -24.04 -4.16
CA SER D 33 0.11 -24.18 -4.86
C SER D 33 -0.59 -22.84 -5.05
N ASP D 34 -0.83 -22.10 -3.95
CA ASP D 34 -1.60 -20.86 -4.08
C ASP D 34 -0.78 -19.78 -4.79
N MET D 35 0.51 -19.69 -4.50
CA MET D 35 1.34 -18.65 -5.13
C MET D 35 1.32 -18.80 -6.64
N LEU D 36 1.50 -20.04 -7.15
CA LEU D 36 1.42 -20.24 -8.59
C LEU D 36 0.08 -19.77 -9.13
N HIS D 37 -0.98 -19.99 -8.38
CA HIS D 37 -2.30 -19.52 -8.81
C HIS D 37 -2.33 -18.00 -8.85
N ILE D 38 -1.74 -17.35 -7.84
CA ILE D 38 -1.61 -15.89 -7.84
C ILE D 38 -0.83 -15.42 -9.06
N SER D 39 0.29 -16.08 -9.36
CA SER D 39 1.09 -15.71 -10.52
C SER D 39 0.38 -16.01 -11.83
N THR D 40 -0.61 -16.88 -11.83
CA THR D 40 -1.21 -17.21 -13.11
C THR D 40 -2.39 -16.31 -13.39
N ASN D 41 -3.26 -16.11 -12.40
CA ASN D 41 -4.56 -15.52 -12.64
C ASN D 41 -4.68 -14.08 -12.16
N CYS D 42 -3.57 -13.45 -11.80
CA CYS D 42 -3.55 -12.04 -11.42
C CYS D 42 -2.62 -11.31 -12.40
N ARG D 43 -3.18 -10.81 -13.49
CA ARG D 43 -2.38 -10.27 -14.57
C ARG D 43 -2.06 -8.78 -14.42
N THR D 44 -2.43 -8.17 -13.29
CA THR D 44 -2.05 -6.79 -13.07
C THR D 44 -1.65 -6.56 -11.62
N ALA D 45 -0.75 -5.60 -11.42
CA ALA D 45 -0.32 -5.25 -10.07
C ALA D 45 -1.51 -4.96 -9.17
N GLU D 46 -2.53 -4.28 -9.68
CA GLU D 46 -3.64 -3.88 -8.82
C GLU D 46 -4.40 -5.09 -8.31
N LYS D 47 -4.66 -6.07 -9.18
CA LYS D 47 -5.36 -7.26 -8.73
C LYS D 47 -4.46 -8.11 -7.83
N MET D 48 -3.18 -8.27 -8.19
CA MET D 48 -2.33 -9.10 -7.36
C MET D 48 -2.18 -8.53 -5.95
N ALA D 49 -2.18 -7.19 -5.83
CA ALA D 49 -2.10 -6.59 -4.50
C ALA D 49 -3.31 -6.98 -3.66
N LEU D 50 -4.52 -6.80 -4.20
CA LEU D 50 -5.72 -7.10 -3.42
C LEU D 50 -5.92 -8.60 -3.21
N THR D 51 -5.38 -9.46 -4.06
CA THR D 51 -5.59 -10.86 -3.72
C THR D 51 -4.46 -11.36 -2.83
N LEU D 52 -3.23 -10.86 -3.02
CA LEU D 52 -2.18 -11.17 -2.05
C LEU D 52 -2.63 -10.77 -0.66
N LEU D 53 -3.30 -9.62 -0.54
CA LEU D 53 -3.79 -9.16 0.75
C LEU D 53 -4.66 -10.21 1.42
N ASP D 54 -5.54 -10.86 0.66
CA ASP D 54 -6.47 -11.84 1.23
C ASP D 54 -5.81 -13.17 1.57
N TYR D 55 -4.71 -13.51 0.89
CA TYR D 55 -3.89 -14.66 1.26
C TYR D 55 -2.96 -14.39 2.43
N LEU D 56 -2.84 -13.13 2.87
CA LEU D 56 -1.90 -12.76 3.91
C LEU D 56 -2.53 -12.19 5.17
N PHE D 57 -3.81 -11.81 5.14
CA PHE D 57 -4.49 -11.23 6.29
C PHE D 57 -5.93 -11.69 6.30
N HIS D 58 -6.32 -12.42 7.35
CA HIS D 58 -7.73 -12.69 7.59
C HIS D 58 -8.56 -11.42 7.50
N ARG D 59 -9.79 -11.56 6.99
CA ARG D 59 -10.75 -10.47 6.89
C ARG D 59 -11.16 -9.89 8.24
N GLU D 60 -10.80 -10.53 9.35
CA GLU D 60 -11.04 -9.97 10.68
C GLU D 60 -9.92 -9.01 11.07
N VAL D 61 -8.71 -9.33 10.65
CA VAL D 61 -7.60 -8.40 10.80
C VAL D 61 -7.82 -7.20 9.88
N GLN D 62 -8.24 -7.46 8.64
CA GLN D 62 -8.46 -6.39 7.68
C GLN D 62 -9.50 -5.38 8.20
N ALA D 63 -10.57 -5.87 8.83
CA ALA D 63 -11.60 -4.97 9.32
C ALA D 63 -11.04 -3.97 10.34
N VAL D 64 -10.31 -4.47 11.34
CA VAL D 64 -9.77 -3.58 12.37
C VAL D 64 -8.56 -2.79 11.91
N SER D 65 -8.10 -2.99 10.68
CA SER D 65 -6.79 -2.50 10.29
C SER D 65 -6.85 -1.50 9.15
N ASN D 66 -5.86 -0.62 9.12
CA ASN D 66 -5.46 0.09 7.90
C ASN D 66 -3.94 0.16 7.84
N LEU D 67 -3.45 0.79 6.77
CA LEU D 67 -2.04 0.69 6.41
C LEU D 67 -1.12 1.36 7.44
N SER D 68 -1.65 2.35 8.18
CA SER D 68 -0.85 3.21 9.04
C SER D 68 -1.04 2.95 10.53
N GLY D 69 -2.23 2.54 10.96
CA GLY D 69 -2.58 2.51 12.37
C GLY D 69 -3.20 3.79 12.88
N GLN D 70 -2.97 4.91 12.20
CA GLN D 70 -3.66 6.15 12.50
C GLN D 70 -5.03 6.16 11.84
N GLY D 71 -5.91 6.97 12.38
CA GLY D 71 -7.26 7.06 11.88
C GLY D 71 -8.21 7.30 13.04
N LYS D 72 -9.38 7.85 12.71
CA LYS D 72 -10.37 8.19 13.73
C LYS D 72 -10.79 7.00 14.57
N HIS D 73 -10.48 5.78 14.12
CA HIS D 73 -11.20 4.59 14.53
C HIS D 73 -10.43 3.70 15.51
N GLY D 74 -9.33 4.19 16.08
CA GLY D 74 -8.58 3.34 16.98
C GLY D 74 -8.10 2.06 16.32
N LYS D 75 -7.63 2.16 15.07
CA LYS D 75 -7.39 0.99 14.24
C LYS D 75 -6.03 0.37 14.47
N LYS D 76 -5.91 -0.92 14.20
CA LYS D 76 -4.63 -1.58 14.21
C LYS D 76 -3.94 -1.42 12.87
N GLN D 77 -2.66 -1.76 12.84
CA GLN D 77 -1.85 -1.52 11.66
C GLN D 77 -1.53 -2.84 10.97
N LEU D 78 -1.72 -2.88 9.66
CA LEU D 78 -1.38 -4.09 8.92
C LEU D 78 0.12 -4.32 9.01
N ASP D 79 0.49 -5.51 9.43
CA ASP D 79 1.87 -5.88 9.71
C ASP D 79 2.83 -5.32 8.70
N PRO D 80 3.75 -4.44 9.14
CA PRO D 80 4.62 -3.75 8.18
C PRO D 80 5.61 -4.66 7.48
N LEU D 81 5.98 -5.79 8.06
CA LEU D 81 6.85 -6.71 7.30
C LEU D 81 6.09 -7.30 6.12
N THR D 82 4.82 -7.65 6.31
CA THR D 82 4.06 -8.25 5.23
C THR D 82 3.80 -7.23 4.12
N ILE D 83 3.39 -6.00 4.49
CA ILE D 83 3.20 -4.95 3.50
C ILE D 83 4.49 -4.66 2.75
N TYR D 84 5.64 -4.75 3.41
CA TYR D 84 6.89 -4.57 2.68
C TYR D 84 7.03 -5.63 1.61
N GLY D 85 6.58 -6.86 1.89
CA GLY D 85 6.70 -7.94 0.93
C GLY D 85 5.73 -7.80 -0.24
N ILE D 86 4.48 -7.44 0.05
CA ILE D 86 3.55 -7.09 -1.01
C ILE D 86 4.27 -6.17 -1.98
N ARG D 87 4.82 -5.08 -1.44
CA ARG D 87 5.48 -4.05 -2.24
C ARG D 87 6.68 -4.62 -3.00
N CYS D 88 7.57 -5.33 -2.30
CA CYS D 88 8.69 -5.97 -2.99
C CYS D 88 8.22 -6.86 -4.15
N HIS D 89 7.16 -7.65 -3.93
CA HIS D 89 6.71 -8.59 -4.96
C HIS D 89 6.15 -7.85 -6.18
N LEU D 90 5.31 -6.85 -5.94
CA LEU D 90 4.76 -6.06 -7.05
C LEU D 90 5.87 -5.37 -7.84
N PHE D 91 6.93 -4.91 -7.17
CA PHE D 91 8.04 -4.34 -7.92
C PHE D 91 8.73 -5.41 -8.76
N TYR D 92 8.97 -6.59 -8.17
CA TYR D 92 9.83 -7.59 -8.80
C TYR D 92 9.13 -8.30 -9.95
N LYS D 93 7.80 -8.34 -9.96
CA LYS D 93 7.08 -8.92 -11.09
C LYS D 93 6.67 -7.83 -12.08
N PHE D 94 5.83 -6.89 -11.65
CA PHE D 94 5.35 -5.85 -12.56
C PHE D 94 6.23 -4.62 -12.66
N GLY D 95 7.25 -4.47 -11.82
CA GLY D 95 8.10 -3.29 -11.89
C GLY D 95 7.34 -1.98 -11.79
N ILE D 96 6.47 -1.88 -10.79
CA ILE D 96 5.62 -0.69 -10.64
C ILE D 96 6.43 0.51 -10.12
N THR D 97 5.92 1.70 -10.41
CA THR D 97 6.56 2.87 -9.82
C THR D 97 6.04 3.10 -8.40
N GLU D 98 6.67 4.07 -7.74
CA GLU D 98 6.21 4.48 -6.43
C GLU D 98 4.93 5.29 -6.52
N SER D 99 4.70 5.94 -7.65
CA SER D 99 3.39 6.55 -7.90
C SER D 99 2.32 5.47 -7.89
N ASP D 100 2.52 4.45 -8.73
CA ASP D 100 1.66 3.28 -8.71
C ASP D 100 1.51 2.75 -7.29
N TRP D 101 2.64 2.50 -6.63
CA TRP D 101 2.57 1.93 -5.29
C TRP D 101 1.70 2.79 -4.39
N TYR D 102 1.81 4.11 -4.55
CA TYR D 102 1.00 5.01 -3.75
C TYR D 102 -0.49 4.79 -4.01
N ARG D 103 -0.87 4.60 -5.28
CA ARG D 103 -2.29 4.50 -5.58
C ARG D 103 -2.83 3.10 -5.24
N ILE D 104 -2.01 2.07 -5.47
CA ILE D 104 -2.31 0.73 -5.00
C ILE D 104 -2.54 0.75 -3.50
N LYS D 105 -1.73 1.51 -2.78
CA LYS D 105 -1.84 1.53 -1.33
C LYS D 105 -3.18 2.10 -0.89
N GLN D 106 -3.75 3.00 -1.69
CA GLN D 106 -5.05 3.54 -1.32
C GLN D 106 -6.13 2.51 -1.53
N SER D 107 -5.94 1.63 -2.51
CA SER D 107 -6.87 0.54 -2.74
C SER D 107 -6.89 -0.44 -1.56
N ILE D 108 -5.74 -0.65 -0.93
CA ILE D 108 -5.64 -1.57 0.21
C ILE D 108 -6.37 -1.01 1.44
N ASP D 109 -6.17 0.27 1.74
CA ASP D 109 -7.01 0.93 2.75
C ASP D 109 -8.48 0.83 2.38
N SER D 110 -8.79 0.97 1.08
CA SER D 110 -10.19 0.93 0.65
C SER D 110 -10.81 -0.43 0.93
N LYS D 111 -10.06 -1.50 0.64
CA LYS D 111 -10.54 -2.85 0.88
C LYS D 111 -10.79 -3.09 2.36
N CYS D 112 -9.77 -2.88 3.19
CA CYS D 112 -9.95 -3.00 4.64
C CYS D 112 -11.15 -2.18 5.09
N ARG D 113 -11.35 -1.01 4.49
CA ARG D 113 -12.43 -0.12 4.90
C ARG D 113 -13.80 -0.71 4.55
N THR D 114 -13.93 -1.37 3.39
CA THR D 114 -15.19 -2.08 3.16
C THR D 114 -15.29 -3.33 4.03
N ALA D 115 -14.15 -3.95 4.36
CA ALA D 115 -14.18 -5.05 5.33
C ALA D 115 -14.72 -4.56 6.67
N TRP D 116 -14.30 -3.36 7.09
CA TRP D 116 -14.84 -2.74 8.30
C TRP D 116 -16.35 -2.53 8.19
N ARG D 117 -16.82 -2.10 7.01
CA ARG D 117 -18.25 -1.91 6.79
C ARG D 117 -19.03 -3.21 7.01
N ARG D 118 -18.62 -4.29 6.32
CA ARG D 118 -19.27 -5.59 6.46
C ARG D 118 -19.23 -6.07 7.91
N LYS D 119 -18.08 -5.94 8.58
CA LYS D 119 -17.97 -6.33 9.98
C LYS D 119 -18.97 -5.58 10.87
N GLN D 120 -19.48 -4.44 10.42
CA GLN D 120 -20.52 -3.71 11.14
C GLN D 120 -21.92 -4.08 10.68
N ARG D 121 -22.04 -5.20 9.97
CA ARG D 121 -23.35 -5.69 9.54
C ARG D 121 -23.53 -7.15 9.92
#